data_5HKC
#
_entry.id   5HKC
#
_cell.length_a   48.269
_cell.length_b   38.798
_cell.length_c   69.178
_cell.angle_alpha   90.000
_cell.angle_beta   107.300
_cell.angle_gamma   90.000
#
_symmetry.space_group_name_H-M   'P 1 2 1'
#
loop_
_entity.id
_entity.type
_entity.pdbx_description
1 polymer 'Endoribonuclease MazF6'
2 polymer "RNA (5'-R(*GP*UP*C)-D(P*U)-R(P*CP*CP*UP*A)-3')"
3 water water
#
loop_
_entity_poly.entity_id
_entity_poly.type
_entity_poly.pdbx_seq_one_letter_code
_entity_poly.pdbx_strand_id
1 'polypeptide(L)'
;MVISRAEIYWADLGPPSGSQPAKRRPVLVIQSDPYNASRLATVIAAVITSNDALAAMPGNVDLPATTTRLPRDSVVNVTA
IVTLNKTDLTDRVGEVPASLMHEVDRGLRRVLDL
;
A,B
2 'polyribonucleotide' GUC(DU)CCUA C
#
loop_
_chem_comp.id
_chem_comp.type
_chem_comp.name
_chem_comp.formula
A RNA linking ADENOSINE-5'-MONOPHOSPHATE 'C10 H14 N5 O7 P'
C RNA linking CYTIDINE-5'-MONOPHOSPHATE 'C9 H14 N3 O8 P'
DU DNA linking 2'-DEOXYURIDINE-5'-MONOPHOSPHATE 'C9 H13 N2 O8 P'
G RNA linking GUANOSINE-5'-MONOPHOSPHATE 'C10 H14 N5 O8 P'
U RNA linking URIDINE-5'-MONOPHOSPHATE 'C9 H13 N2 O9 P'
#
# COMPACT_ATOMS: atom_id res chain seq x y z
N MET A 1 7.11 13.19 -16.19
CA MET A 1 7.89 12.06 -16.64
C MET A 1 7.04 10.78 -16.69
N VAL A 2 7.56 9.74 -17.35
CA VAL A 2 6.87 8.47 -17.47
C VAL A 2 7.31 7.54 -16.34
N ILE A 3 6.35 7.07 -15.54
CA ILE A 3 6.70 6.16 -14.45
C ILE A 3 6.29 4.73 -14.83
N SER A 4 7.19 3.78 -14.61
CA SER A 4 6.94 2.39 -14.98
C SER A 4 7.11 1.46 -13.78
N ARG A 5 6.30 0.40 -13.75
CA ARG A 5 6.40 -0.63 -12.72
C ARG A 5 7.81 -1.21 -12.74
N ALA A 6 8.31 -1.54 -11.56
CA ALA A 6 9.64 -2.13 -11.34
C ALA A 6 10.75 -1.10 -11.30
N GLU A 7 10.41 0.17 -11.49
CA GLU A 7 11.40 1.23 -11.32
C GLU A 7 11.66 1.58 -9.86
N ILE A 8 12.91 1.93 -9.58
CA ILE A 8 13.30 2.40 -8.26
C ILE A 8 13.52 3.92 -8.32
N TYR A 9 12.87 4.62 -7.41
CA TYR A 9 13.01 6.07 -7.25
C TYR A 9 13.33 6.35 -5.80
N TRP A 10 13.85 7.55 -5.53
CA TRP A 10 13.89 8.08 -4.17
C TRP A 10 12.63 8.91 -3.88
N ALA A 11 12.15 8.83 -2.63
CA ALA A 11 11.00 9.63 -2.21
C ALA A 11 11.12 10.02 -0.75
N ASP A 12 10.61 11.21 -0.42
CA ASP A 12 10.52 11.66 0.96
C ASP A 12 9.19 11.16 1.54
N LEU A 13 9.28 10.20 2.44
CA LEU A 13 8.07 9.59 2.98
C LEU A 13 7.58 10.30 4.23
N GLY A 14 8.32 11.34 4.63
CA GLY A 14 7.86 12.20 5.70
C GLY A 14 8.30 11.77 7.10
N PRO A 15 7.70 12.41 8.12
CA PRO A 15 8.12 12.24 9.51
C PRO A 15 7.81 10.86 10.04
N PRO A 16 8.67 10.34 10.92
CA PRO A 16 8.28 9.05 11.48
C PRO A 16 7.02 9.15 12.33
N SER A 17 6.32 8.04 12.43
CA SER A 17 5.14 7.95 13.26
C SER A 17 4.99 6.49 13.61
N GLY A 18 5.53 6.07 14.75
CA GLY A 18 5.55 4.68 15.12
C GLY A 18 6.34 3.88 14.10
N SER A 19 5.71 2.84 13.55
CA SER A 19 6.37 1.95 12.61
C SER A 19 6.00 2.20 11.14
N GLN A 20 5.19 3.21 10.87
CA GLN A 20 4.76 3.43 9.48
C GLN A 20 5.93 3.93 8.62
N PRO A 21 5.83 3.74 7.30
CA PRO A 21 6.93 4.13 6.42
C PRO A 21 7.25 5.62 6.62
N ALA A 22 8.53 5.95 6.56
CA ALA A 22 8.95 7.32 6.80
C ALA A 22 10.34 7.57 6.27
N LYS A 23 10.69 8.86 6.22
CA LYS A 23 12.02 9.34 5.86
C LYS A 23 12.30 9.22 4.36
N ARG A 24 13.38 9.85 3.92
CA ARG A 24 13.77 9.76 2.51
C ARG A 24 14.42 8.41 2.24
N ARG A 25 13.90 7.68 1.25
CA ARG A 25 14.39 6.34 0.97
C ARG A 25 14.11 5.95 -0.47
N PRO A 26 14.73 4.86 -0.95
CA PRO A 26 14.31 4.34 -2.25
C PRO A 26 12.99 3.61 -2.12
N VAL A 27 12.20 3.67 -3.18
CA VAL A 27 10.94 2.95 -3.24
C VAL A 27 10.85 2.25 -4.59
N LEU A 28 10.11 1.14 -4.60
CA LEU A 28 9.93 0.33 -5.80
C LEU A 28 8.52 0.50 -6.29
N VAL A 29 8.34 0.98 -7.51
CA VAL A 29 7.00 1.17 -8.06
C VAL A 29 6.35 -0.20 -8.31
N ILE A 30 5.19 -0.45 -7.70
CA ILE A 30 4.48 -1.71 -7.89
C ILE A 30 3.12 -1.51 -8.56
N GLN A 31 2.72 -0.25 -8.75
CA GLN A 31 1.50 0.03 -9.49
C GLN A 31 1.66 -0.36 -10.96
N SER A 32 0.59 -0.89 -11.56
CA SER A 32 0.67 -1.36 -12.95
C SER A 32 0.75 -0.18 -13.93
N ASP A 33 1.36 -0.43 -15.08
CA ASP A 33 1.61 0.65 -16.02
C ASP A 33 0.40 1.38 -16.58
N PRO A 34 -0.72 0.70 -16.81
CA PRO A 34 -1.90 1.44 -17.28
C PRO A 34 -2.36 2.52 -16.29
N TYR A 35 -2.23 2.24 -14.99
CA TYR A 35 -2.51 3.28 -13.99
C TYR A 35 -1.41 4.34 -13.95
N ASN A 36 -0.17 3.90 -14.08
CA ASN A 36 0.94 4.84 -14.11
C ASN A 36 0.83 5.83 -15.26
N ALA A 37 0.35 5.35 -16.40
CA ALA A 37 0.25 6.19 -17.59
C ALA A 37 -1.03 7.04 -17.59
N SER A 38 -1.96 6.71 -16.69
CA SER A 38 -3.23 7.40 -16.60
C SER A 38 -3.13 8.74 -15.87
N ARG A 39 -4.26 9.43 -15.78
CA ARG A 39 -4.32 10.74 -15.12
C ARG A 39 -4.29 10.63 -13.59
N LEU A 40 -4.32 9.41 -13.08
CA LEU A 40 -4.16 9.17 -11.66
C LEU A 40 -2.97 9.97 -11.14
N ALA A 41 -3.17 10.70 -10.07
CA ALA A 41 -2.14 11.59 -9.58
C ALA A 41 -1.07 10.84 -8.77
N THR A 42 -1.39 9.61 -8.39
CA THR A 42 -0.59 8.86 -7.43
C THR A 42 0.02 7.59 -8.00
N VAL A 43 0.98 7.04 -7.27
CA VAL A 43 1.60 5.78 -7.63
C VAL A 43 1.83 4.97 -6.37
N ILE A 44 1.65 3.65 -6.45
CA ILE A 44 1.87 2.80 -5.30
C ILE A 44 3.26 2.17 -5.35
N ALA A 45 3.94 2.15 -4.21
CA ALA A 45 5.30 1.63 -4.20
C ALA A 45 5.58 0.86 -2.93
N ALA A 46 6.55 -0.03 -3.00
CA ALA A 46 7.04 -0.71 -1.80
C ALA A 46 8.33 -0.08 -1.31
N VAL A 47 8.45 0.04 0.01
CA VAL A 47 9.62 0.65 0.63
C VAL A 47 10.84 -0.25 0.53
N ILE A 48 11.97 0.37 0.21
CA ILE A 48 13.27 -0.31 0.20
C ILE A 48 14.10 0.14 1.39
N THR A 49 14.77 -0.79 2.05
CA THR A 49 15.62 -0.42 3.16
C THR A 49 16.98 -1.12 3.06
N SER A 50 18.02 -0.55 3.69
CA SER A 50 19.33 -1.19 3.70
C SER A 50 19.48 -2.07 4.93
N ASN A 51 18.41 -2.19 5.70
CA ASN A 51 18.43 -3.00 6.91
C ASN A 51 18.38 -4.49 6.59
N ASP A 52 19.54 -5.14 6.66
CA ASP A 52 19.70 -6.53 6.25
C ASP A 52 18.83 -7.50 7.05
N ALA A 53 18.37 -7.08 8.22
CA ALA A 53 17.50 -7.89 9.05
C ALA A 53 16.17 -8.23 8.37
N LEU A 54 15.61 -7.25 7.66
CA LEU A 54 14.32 -7.42 7.01
C LEU A 54 14.35 -8.37 5.83
N ALA A 55 15.54 -8.80 5.43
CA ALA A 55 15.63 -9.70 4.29
C ALA A 55 15.12 -11.07 4.69
N ALA A 56 15.05 -11.29 6.01
CA ALA A 56 14.67 -12.59 6.54
C ALA A 56 13.16 -12.71 6.68
N MET A 57 12.45 -11.58 6.56
CA MET A 57 10.99 -11.62 6.69
C MET A 57 10.40 -12.28 5.44
N PRO A 58 9.49 -13.25 5.64
CA PRO A 58 8.87 -13.92 4.49
C PRO A 58 8.19 -12.92 3.56
N GLY A 59 8.44 -13.07 2.27
CA GLY A 59 7.88 -12.17 1.27
C GLY A 59 8.83 -11.09 0.81
N ASN A 60 9.73 -10.66 1.68
CA ASN A 60 10.69 -9.62 1.30
C ASN A 60 11.71 -10.12 0.29
N VAL A 61 12.29 -9.19 -0.47
CA VAL A 61 13.16 -9.53 -1.58
C VAL A 61 14.51 -8.82 -1.51
N ASP A 62 15.59 -9.60 -1.59
CA ASP A 62 16.95 -9.07 -1.56
C ASP A 62 17.29 -8.33 -2.84
N LEU A 63 17.81 -7.12 -2.69
CA LEU A 63 18.31 -6.36 -3.82
C LEU A 63 19.81 -6.11 -3.68
N PRO A 64 20.62 -6.85 -4.44
CA PRO A 64 22.06 -6.62 -4.43
C PRO A 64 22.41 -5.27 -5.03
N ALA A 65 23.35 -4.56 -4.44
CA ALA A 65 23.77 -3.25 -4.95
C ALA A 65 24.19 -3.35 -6.42
N THR A 66 24.85 -4.45 -6.76
CA THR A 66 25.34 -4.65 -8.12
C THR A 66 24.21 -4.74 -9.14
N THR A 67 23.03 -5.12 -8.68
CA THR A 67 21.86 -5.19 -9.55
C THR A 67 21.21 -3.82 -9.72
N THR A 68 20.92 -3.16 -8.61
CA THR A 68 20.13 -1.93 -8.59
C THR A 68 20.90 -0.64 -8.92
N ARG A 69 22.20 -0.63 -8.57
CA ARG A 69 23.06 0.55 -8.60
C ARG A 69 22.73 1.48 -7.43
N LEU A 70 21.95 0.99 -6.47
CA LEU A 70 21.85 1.66 -5.17
C LEU A 70 23.18 1.54 -4.45
N PRO A 71 23.46 2.47 -3.50
CA PRO A 71 24.71 2.44 -2.75
C PRO A 71 24.95 1.15 -1.96
N ARG A 72 23.90 0.56 -1.41
CA ARG A 72 24.08 -0.60 -0.52
C ARG A 72 23.18 -1.75 -0.89
N ASP A 73 23.55 -2.94 -0.41
CA ASP A 73 22.67 -4.09 -0.51
C ASP A 73 21.39 -3.70 0.23
N SER A 74 20.26 -4.01 -0.35
CA SER A 74 19.00 -3.51 0.17
C SER A 74 17.92 -4.57 0.11
N VAL A 75 16.75 -4.24 0.64
CA VAL A 75 15.66 -5.19 0.71
C VAL A 75 14.35 -4.51 0.34
N VAL A 76 13.54 -5.16 -0.50
CA VAL A 76 12.17 -4.70 -0.72
C VAL A 76 11.31 -5.18 0.45
N ASN A 77 10.75 -4.25 1.22
CA ASN A 77 9.87 -4.61 2.34
C ASN A 77 8.42 -4.58 1.87
N VAL A 78 7.89 -5.76 1.55
CA VAL A 78 6.54 -5.85 0.98
C VAL A 78 5.47 -5.64 2.02
N THR A 79 5.85 -5.54 3.29
CA THR A 79 4.88 -5.19 4.32
C THR A 79 4.79 -3.67 4.48
N ALA A 80 5.58 -2.95 3.70
CA ALA A 80 5.63 -1.48 3.79
C ALA A 80 5.28 -0.83 2.45
N ILE A 81 4.01 -0.56 2.25
CA ILE A 81 3.49 -0.06 0.98
C ILE A 81 3.00 1.38 1.13
N VAL A 82 3.38 2.26 0.21
CA VAL A 82 2.98 3.65 0.29
C VAL A 82 2.32 4.09 -1.01
N THR A 83 1.44 5.08 -0.90
CA THR A 83 0.86 5.69 -2.07
C THR A 83 1.35 7.12 -2.09
N LEU A 84 2.04 7.48 -3.16
CA LEU A 84 2.74 8.76 -3.26
C LEU A 84 2.22 9.54 -4.44
N ASN A 85 2.32 10.87 -4.38
CA ASN A 85 2.05 11.66 -5.57
C ASN A 85 3.13 11.35 -6.58
N LYS A 86 2.75 11.20 -7.85
CA LYS A 86 3.75 10.93 -8.88
C LYS A 86 4.90 11.94 -8.86
N THR A 87 4.59 13.18 -8.55
CA THR A 87 5.59 14.20 -8.50
C THR A 87 6.55 14.10 -7.32
N ASP A 88 6.28 13.21 -6.39
CA ASP A 88 7.14 12.99 -5.24
C ASP A 88 8.34 12.13 -5.60
N LEU A 89 8.29 11.41 -6.70
CA LEU A 89 9.36 10.52 -7.07
C LEU A 89 10.50 11.30 -7.66
N THR A 90 11.70 11.15 -7.11
CA THR A 90 12.88 11.85 -7.60
C THR A 90 14.03 10.87 -7.85
N ASP A 91 15.10 11.37 -8.48
CA ASP A 91 16.33 10.61 -8.67
C ASP A 91 16.17 9.16 -9.10
N ARG A 92 15.48 8.95 -10.22
CA ARG A 92 15.29 7.61 -10.75
C ARG A 92 16.58 6.81 -10.74
N VAL A 93 16.50 5.59 -10.21
CA VAL A 93 17.70 4.76 -10.07
C VAL A 93 17.84 3.76 -11.21
N GLY A 94 16.74 3.11 -11.56
CA GLY A 94 16.79 2.12 -12.61
C GLY A 94 15.59 1.22 -12.53
N GLU A 95 15.59 0.15 -13.29
CA GLU A 95 14.49 -0.81 -13.27
C GLU A 95 15.01 -2.17 -12.82
N VAL A 96 14.33 -2.75 -11.84
CA VAL A 96 14.65 -4.07 -11.30
C VAL A 96 14.36 -5.16 -12.33
N PRO A 97 15.27 -6.13 -12.47
CA PRO A 97 15.08 -7.16 -13.51
C PRO A 97 13.84 -8.02 -13.26
N ALA A 98 13.32 -8.60 -14.33
CA ALA A 98 12.09 -9.36 -14.30
C ALA A 98 12.14 -10.52 -13.27
N SER A 99 13.27 -11.20 -13.18
CA SER A 99 13.38 -12.33 -12.25
C SER A 99 13.20 -11.86 -10.81
N LEU A 100 13.75 -10.70 -10.48
CA LEU A 100 13.61 -10.19 -9.12
C LEU A 100 12.20 -9.64 -8.90
N MET A 101 11.65 -8.96 -9.90
CA MET A 101 10.27 -8.48 -9.78
C MET A 101 9.28 -9.62 -9.59
N HIS A 102 9.55 -10.79 -10.20
CA HIS A 102 8.67 -11.93 -9.98
C HIS A 102 8.64 -12.32 -8.50
N GLU A 103 9.78 -12.25 -7.83
CA GLU A 103 9.82 -12.54 -6.40
C GLU A 103 9.04 -11.48 -5.62
N VAL A 104 9.16 -10.23 -6.03
CA VAL A 104 8.38 -9.16 -5.41
C VAL A 104 6.89 -9.47 -5.57
N ASP A 105 6.49 -9.85 -6.78
CA ASP A 105 5.09 -10.18 -7.03
C ASP A 105 4.58 -11.28 -6.10
N ARG A 106 5.37 -12.33 -5.94
CA ARG A 106 4.95 -13.43 -5.09
C ARG A 106 4.83 -12.96 -3.64
N GLY A 107 5.75 -12.09 -3.22
CA GLY A 107 5.70 -11.54 -1.87
C GLY A 107 4.49 -10.67 -1.60
N LEU A 108 4.15 -9.82 -2.56
CA LEU A 108 2.95 -8.99 -2.45
C LEU A 108 1.68 -9.85 -2.38
N ARG A 109 1.61 -10.90 -3.19
CA ARG A 109 0.42 -11.76 -3.10
C ARG A 109 0.34 -12.42 -1.71
N ARG A 110 1.49 -12.78 -1.16
CA ARG A 110 1.48 -13.39 0.16
C ARG A 110 1.02 -12.41 1.24
N VAL A 111 1.58 -11.19 1.24
CA VAL A 111 1.25 -10.24 2.30
C VAL A 111 -0.17 -9.68 2.15
N LEU A 112 -0.70 -9.67 0.92
CA LEU A 112 -2.05 -9.15 0.68
C LEU A 112 -3.11 -10.23 0.44
N ASP A 113 -2.72 -11.49 0.55
CA ASP A 113 -3.62 -12.62 0.35
C ASP A 113 -4.31 -12.52 -1.02
N LEU A 114 -3.51 -12.30 -2.06
CA LEU A 114 -4.06 -12.18 -3.41
C LEU A 114 -3.64 -13.38 -4.30
N VAL B 2 -7.55 -7.62 18.03
CA VAL B 2 -7.25 -8.52 16.91
C VAL B 2 -7.75 -7.89 15.61
N ILE B 3 -6.85 -7.68 14.66
CA ILE B 3 -7.22 -7.09 13.37
C ILE B 3 -7.25 -8.18 12.31
N SER B 4 -8.31 -8.20 11.50
CA SER B 4 -8.49 -9.24 10.50
C SER B 4 -8.72 -8.65 9.11
N ARG B 5 -8.26 -9.35 8.09
CA ARG B 5 -8.51 -8.93 6.73
C ARG B 5 -10.00 -8.82 6.47
N ALA B 6 -10.36 -7.82 5.66
CA ALA B 6 -11.73 -7.50 5.24
C ALA B 6 -12.49 -6.67 6.27
N GLU B 7 -11.86 -6.38 7.40
CA GLU B 7 -12.45 -5.47 8.38
C GLU B 7 -12.30 -4.01 8.00
N ILE B 8 -13.30 -3.21 8.34
CA ILE B 8 -13.26 -1.76 8.11
C ILE B 8 -13.04 -1.06 9.44
N TYR B 9 -12.07 -0.15 9.48
CA TYR B 9 -11.83 0.67 10.67
C TYR B 9 -11.83 2.13 10.33
N TRP B 10 -12.10 2.97 11.31
CA TRP B 10 -11.77 4.37 11.15
C TRP B 10 -10.32 4.51 11.54
N ALA B 11 -9.60 5.31 10.78
CA ALA B 11 -8.18 5.47 11.02
C ALA B 11 -7.68 6.90 10.79
N ASP B 12 -6.66 7.24 11.56
CA ASP B 12 -5.89 8.45 11.33
C ASP B 12 -4.79 8.12 10.31
N LEU B 13 -4.78 8.84 9.19
CA LEU B 13 -3.75 8.61 8.18
C LEU B 13 -2.55 9.52 8.41
N PRO B 15 -0.66 10.86 12.75
CA PRO B 15 0.38 11.84 12.45
C PRO B 15 -0.19 13.25 12.29
N PRO B 16 -0.62 13.86 13.41
CA PRO B 16 -1.13 15.23 13.45
C PRO B 16 -0.05 16.22 13.06
N SER B 17 -0.43 17.45 12.77
CA SER B 17 0.52 18.44 12.35
C SER B 17 0.20 19.81 12.92
N GLY B 18 0.79 20.11 14.07
CA GLY B 18 0.51 21.36 14.75
C GLY B 18 -0.92 21.52 15.19
N SER B 19 -1.58 22.55 14.66
CA SER B 19 -2.88 22.95 15.13
C SER B 19 -4.05 22.22 14.51
N GLN B 20 -3.80 21.30 13.60
CA GLN B 20 -4.93 20.60 13.04
C GLN B 20 -4.63 19.12 12.84
N PRO B 21 -5.68 18.29 13.01
CA PRO B 21 -5.71 16.84 13.02
C PRO B 21 -5.25 16.14 11.74
N ALA B 22 -4.73 14.93 11.90
CA ALA B 22 -4.41 14.10 10.74
C ALA B 22 -5.73 13.85 10.03
N LYS B 23 -5.68 13.39 8.77
CA LYS B 23 -6.94 13.10 8.12
C LYS B 23 -7.49 11.83 8.74
N ARG B 24 -8.80 11.69 8.68
CA ARG B 24 -9.45 10.51 9.19
C ARG B 24 -10.35 9.93 8.12
N ARG B 25 -10.20 8.64 7.88
CA ARG B 25 -10.97 7.96 6.84
C ARG B 25 -11.28 6.56 7.31
N PRO B 26 -12.33 5.96 6.74
CA PRO B 26 -12.49 4.52 7.00
C PRO B 26 -11.48 3.82 6.10
N VAL B 27 -10.91 2.71 6.57
CA VAL B 27 -9.98 1.97 5.74
C VAL B 27 -10.33 0.49 5.81
N LEU B 28 -10.01 -0.22 4.74
CA LEU B 28 -10.32 -1.65 4.62
C LEU B 28 -9.03 -2.44 4.74
N VAL B 29 -8.95 -3.34 5.72
CA VAL B 29 -7.73 -4.10 5.93
C VAL B 29 -7.54 -5.09 4.78
N ILE B 30 -6.41 -5.02 4.10
CA ILE B 30 -6.13 -5.95 3.01
C ILE B 30 -4.89 -6.81 3.27
N GLN B 31 -4.16 -6.51 4.36
CA GLN B 31 -3.07 -7.38 4.78
C GLN B 31 -3.61 -8.74 5.22
N SER B 32 -2.86 -9.81 4.95
CA SER B 32 -3.31 -11.15 5.29
C SER B 32 -3.24 -11.41 6.79
N ASP B 33 -4.08 -12.33 7.26
CA ASP B 33 -4.19 -12.58 8.68
C ASP B 33 -2.90 -13.13 9.33
N PRO B 34 -2.11 -13.96 8.63
CA PRO B 34 -0.87 -14.38 9.30
C PRO B 34 0.05 -13.22 9.65
N TYR B 35 0.06 -12.18 8.82
CA TYR B 35 0.80 -10.96 9.15
C TYR B 35 0.07 -10.13 10.20
N ASN B 36 -1.26 -10.04 10.09
CA ASN B 36 -2.05 -9.32 11.07
C ASN B 36 -1.87 -9.86 12.48
N ALA B 37 -1.73 -11.18 12.59
CA ALA B 37 -1.62 -11.83 13.89
C ALA B 37 -0.20 -11.79 14.45
N SER B 38 0.76 -11.43 13.61
CA SER B 38 2.16 -11.41 14.00
C SER B 38 2.51 -10.17 14.80
N ARG B 39 3.76 -10.09 15.24
CA ARG B 39 4.27 -8.96 16.00
C ARG B 39 4.53 -7.74 15.13
N LEU B 40 4.36 -7.89 13.81
CA LEU B 40 4.44 -6.78 12.88
C LEU B 40 3.60 -5.62 13.42
N ALA B 41 4.19 -4.44 13.49
CA ALA B 41 3.51 -3.33 14.14
C ALA B 41 2.49 -2.65 13.24
N THR B 42 2.52 -3.02 11.95
CA THR B 42 1.71 -2.29 10.97
C THR B 42 0.68 -3.18 10.28
N VAL B 43 -0.24 -2.54 9.58
CA VAL B 43 -1.22 -3.23 8.75
C VAL B 43 -1.40 -2.42 7.48
N ILE B 44 -1.60 -3.12 6.36
CA ILE B 44 -1.85 -2.47 5.08
C ILE B 44 -3.34 -2.42 4.82
N ALA B 45 -3.82 -1.28 4.33
CA ALA B 45 -5.24 -1.09 4.10
C ALA B 45 -5.49 -0.25 2.87
N ALA B 46 -6.69 -0.37 2.31
CA ALA B 46 -7.14 0.50 1.24
C ALA B 46 -8.09 1.55 1.78
N VAL B 47 -7.94 2.80 1.33
CA VAL B 47 -8.75 3.89 1.83
C VAL B 47 -10.17 3.85 1.24
N ILE B 48 -11.16 4.12 2.07
CA ILE B 48 -12.55 4.17 1.64
C ILE B 48 -12.97 5.63 1.52
N THR B 49 -13.65 5.96 0.43
CA THR B 49 -14.07 7.35 0.17
C THR B 49 -15.53 7.37 -0.21
N SER B 50 -16.10 8.56 -0.37
CA SER B 50 -17.50 8.61 -0.70
C SER B 50 -17.71 8.26 -2.17
N ASN B 51 -18.91 7.75 -2.50
CA ASN B 51 -19.18 7.39 -3.88
C ASN B 51 -19.50 8.67 -4.65
N ASP B 52 -18.48 9.17 -5.34
CA ASP B 52 -18.52 10.46 -6.02
C ASP B 52 -17.99 10.31 -7.42
N ALA B 53 -18.11 11.37 -8.22
CA ALA B 53 -17.49 11.40 -9.54
C ALA B 53 -15.99 11.29 -9.38
N LEU B 54 -15.49 11.95 -8.33
CA LEU B 54 -14.05 11.99 -8.05
C LEU B 54 -13.55 10.63 -7.54
N ALA B 55 -14.49 9.77 -7.15
CA ALA B 55 -14.18 8.42 -6.67
C ALA B 55 -13.98 7.43 -7.81
N ALA B 56 -14.25 7.87 -9.03
CA ALA B 56 -14.32 6.96 -10.16
C ALA B 56 -12.94 6.58 -10.68
N MET B 57 -12.71 5.27 -10.70
CA MET B 57 -11.47 4.66 -11.13
C MET B 57 -11.71 3.18 -11.35
N PRO B 58 -11.29 2.66 -12.51
CA PRO B 58 -11.44 1.22 -12.75
C PRO B 58 -10.80 0.42 -11.63
N GLY B 59 -11.49 -0.62 -11.15
CA GLY B 59 -11.00 -1.42 -10.06
C GLY B 59 -11.63 -1.10 -8.71
N ASN B 60 -12.07 0.14 -8.52
CA ASN B 60 -12.70 0.52 -7.26
C ASN B 60 -14.00 -0.25 -7.05
N VAL B 61 -14.39 -0.40 -5.80
CA VAL B 61 -15.51 -1.28 -5.45
C VAL B 61 -16.52 -0.54 -4.61
N ASP B 62 -17.77 -0.55 -5.08
CA ASP B 62 -18.86 0.09 -4.35
C ASP B 62 -19.20 -0.72 -3.12
N LEU B 63 -19.33 -0.02 -1.99
CA LEU B 63 -19.79 -0.57 -0.73
C LEU B 63 -21.11 0.08 -0.33
N PRO B 64 -22.21 -0.68 -0.40
CA PRO B 64 -23.49 -0.12 0.06
C PRO B 64 -23.47 0.17 1.55
N ALA B 65 -24.04 1.30 1.96
CA ALA B 65 -24.11 1.67 3.38
C ALA B 65 -24.76 0.59 4.21
N THR B 66 -25.78 -0.06 3.65
CA THR B 66 -26.51 -1.10 4.36
C THR B 66 -25.62 -2.30 4.65
N THR B 67 -24.56 -2.47 3.86
CA THR B 67 -23.60 -3.54 4.08
C THR B 67 -22.58 -3.21 5.16
N THR B 68 -21.91 -2.08 4.99
CA THR B 68 -20.76 -1.72 5.82
C THR B 68 -21.15 -1.18 7.19
N ARG B 69 -22.31 -0.55 7.26
CA ARG B 69 -22.76 0.22 8.42
C ARG B 69 -22.02 1.55 8.57
N LEU B 70 -21.36 1.98 7.50
CA LEU B 70 -20.93 3.37 7.40
C LEU B 70 -22.21 4.19 7.21
N PRO B 71 -22.18 5.50 7.55
CA PRO B 71 -23.43 6.26 7.44
C PRO B 71 -23.99 6.29 6.01
N ARG B 72 -23.11 6.42 5.02
CA ARG B 72 -23.53 6.58 3.63
C ARG B 72 -22.74 5.69 2.67
N ASP B 73 -23.26 5.53 1.45
CA ASP B 73 -22.60 4.74 0.43
C ASP B 73 -21.18 5.21 0.18
N SER B 74 -20.27 4.25 0.04
CA SER B 74 -18.86 4.56 -0.05
C SER B 74 -18.21 3.67 -1.08
N VAL B 75 -16.92 3.89 -1.32
CA VAL B 75 -16.19 3.13 -2.32
C VAL B 75 -14.82 2.76 -1.79
N VAL B 76 -14.40 1.53 -2.03
CA VAL B 76 -13.04 1.12 -1.74
C VAL B 76 -12.15 1.63 -2.87
N ASN B 77 -11.20 2.50 -2.52
CA ASN B 77 -10.24 2.99 -3.51
C ASN B 77 -9.01 2.12 -3.56
N VAL B 78 -8.94 1.21 -4.54
CA VAL B 78 -7.84 0.27 -4.61
C VAL B 78 -6.55 0.93 -5.08
N THR B 79 -6.62 2.21 -5.49
CA THR B 79 -5.41 2.95 -5.82
C THR B 79 -4.84 3.72 -4.62
N ALA B 80 -5.52 3.61 -3.48
CA ALA B 80 -5.08 4.34 -2.30
C ALA B 80 -4.74 3.34 -1.20
N ILE B 81 -3.49 2.92 -1.21
CA ILE B 81 -3.03 1.88 -0.28
C ILE B 81 -2.11 2.51 0.74
N VAL B 82 -2.41 2.24 2.01
CA VAL B 82 -1.65 2.84 3.09
C VAL B 82 -1.16 1.77 4.06
N THR B 83 -0.04 2.05 4.71
CA THR B 83 0.48 1.18 5.74
C THR B 83 0.37 1.94 7.04
N LEU B 84 -0.39 1.41 7.99
CA LEU B 84 -0.75 2.11 9.22
C LEU B 84 -0.23 1.39 10.44
N ASN B 85 0.00 2.13 11.52
CA ASN B 85 0.25 1.51 12.81
C ASN B 85 -1.01 0.79 13.24
N LYS B 86 -0.87 -0.44 13.72
CA LYS B 86 -2.03 -1.18 14.20
C LYS B 86 -2.80 -0.36 15.23
N THR B 87 -2.07 0.44 16.01
CA THR B 87 -2.67 1.29 17.04
C THR B 87 -3.44 2.48 16.46
N ASP B 88 -3.28 2.78 15.18
CA ASP B 88 -4.00 3.90 14.59
C ASP B 88 -5.34 3.47 14.04
N LEU B 89 -5.66 2.18 14.14
CA LEU B 89 -7.00 1.72 13.80
C LEU B 89 -7.83 1.82 15.07
N THR B 90 -8.86 2.65 15.05
CA THR B 90 -9.53 2.95 16.32
C THR B 90 -10.88 2.28 16.46
N ASP B 91 -11.83 2.61 15.64
CA ASP B 91 -13.13 2.00 15.80
C ASP B 91 -13.35 0.99 14.69
N ARG B 92 -13.59 -0.25 15.04
CA ARG B 92 -14.01 -1.21 14.05
C ARG B 92 -15.40 -0.88 13.59
N VAL B 93 -15.62 -0.92 12.30
CA VAL B 93 -16.90 -0.66 11.76
C VAL B 93 -17.62 -1.95 11.42
N GLY B 94 -16.91 -2.90 10.84
CA GLY B 94 -17.49 -4.17 10.44
C GLY B 94 -16.60 -4.90 9.46
N GLU B 95 -17.11 -5.99 8.89
CA GLU B 95 -16.41 -6.81 7.89
C GLU B 95 -17.12 -6.83 6.55
N VAL B 96 -16.37 -6.60 5.48
CA VAL B 96 -16.90 -6.68 4.13
C VAL B 96 -17.17 -8.15 3.79
N PRO B 97 -18.36 -8.46 3.26
CA PRO B 97 -18.65 -9.88 2.98
C PRO B 97 -17.75 -10.46 1.90
N ALA B 98 -17.57 -11.78 1.90
CA ALA B 98 -16.64 -12.45 1.01
C ALA B 98 -16.86 -12.13 -0.47
N SER B 99 -18.11 -12.06 -0.91
CA SER B 99 -18.38 -11.81 -2.33
C SER B 99 -17.83 -10.45 -2.76
N LEU B 100 -18.00 -9.45 -1.90
CA LEU B 100 -17.51 -8.10 -2.19
C LEU B 100 -15.99 -8.02 -2.05
N MET B 101 -15.45 -8.73 -1.05
CA MET B 101 -13.99 -8.78 -0.90
C MET B 101 -13.33 -9.39 -2.13
N HIS B 102 -14.00 -10.34 -2.77
CA HIS B 102 -13.46 -10.92 -4.01
C HIS B 102 -13.32 -9.85 -5.08
N GLU B 103 -14.26 -8.92 -5.12
CA GLU B 103 -14.18 -7.82 -6.06
C GLU B 103 -13.02 -6.90 -5.70
N VAL B 104 -12.85 -6.65 -4.41
CA VAL B 104 -11.70 -5.85 -3.97
C VAL B 104 -10.39 -6.55 -4.36
N ASP B 105 -10.30 -7.86 -4.14
CA ASP B 105 -9.10 -8.63 -4.51
C ASP B 105 -8.77 -8.44 -5.97
N ARG B 106 -9.81 -8.51 -6.80
CA ARG B 106 -9.65 -8.38 -8.24
C ARG B 106 -9.14 -7.00 -8.59
N GLY B 107 -9.67 -5.99 -7.89
CA GLY B 107 -9.25 -4.61 -8.10
C GLY B 107 -7.79 -4.41 -7.70
N LEU B 108 -7.41 -4.98 -6.57
CA LEU B 108 -6.01 -4.90 -6.12
C LEU B 108 -5.05 -5.60 -7.07
N ARG B 109 -5.44 -6.77 -7.55
CA ARG B 109 -4.58 -7.49 -8.49
C ARG B 109 -4.41 -6.67 -9.76
N ARG B 110 -5.47 -5.98 -10.19
CA ARG B 110 -5.39 -5.13 -11.36
C ARG B 110 -4.46 -3.94 -11.15
N VAL B 111 -4.62 -3.23 -10.04
CA VAL B 111 -3.82 -2.02 -9.82
C VAL B 111 -2.36 -2.33 -9.56
N LEU B 112 -2.07 -3.53 -9.06
CA LEU B 112 -0.71 -3.90 -8.73
C LEU B 112 -0.09 -4.89 -9.74
N ASP B 113 -0.82 -5.19 -10.81
CA ASP B 113 -0.33 -6.11 -11.85
C ASP B 113 0.05 -7.47 -11.26
N LEU B 114 -0.81 -8.01 -10.40
CA LEU B 114 -0.58 -9.29 -9.76
C LEU B 114 -1.55 -10.36 -10.27
#